data_8WUY
#
_entry.id   8WUY
#
_cell.length_a   74.844
_cell.length_b   76.441
_cell.length_c   129.417
_cell.angle_alpha   90.000
_cell.angle_beta   90.000
_cell.angle_gamma   90.000
#
_symmetry.space_group_name_H-M   'P 21 21 21'
#
loop_
_entity.id
_entity.type
_entity.pdbx_description
1 polymer 'Nuclear receptor subfamily 4immunitygroup A member 1'
2 non-polymer ~{N}-methyl-~{N}-octyl-3,4,5-tris(oxidanyl)benzamide
3 water water
#
_entity_poly.entity_id   1
_entity_poly.type   'polypeptide(L)'
_entity_poly.pdbx_seq_one_letter_code
;SKPKQPPDASPANLLTSLVRAHLDSGPSTAKLDYSKFQELVLPHFGKEDAGDVQQFYDLLSGSLEVIRKWAEKIPGFAEL
SPADQDLLLESAFLELFILRLAYRSKPGEGKLIFCSGLVLHRLQCARGFGDWIDSILAFSRSLHSLLVDVPAFACLSALV
LITDRHGLQEPRRVEELQNRIASCLKEHVAAVAGEPQPASCLSRLLGKLPELRTLCTQGLQRIFYLKLEDLVPPPPIIDK
IFMDTLPF
;
_entity_poly.pdbx_strand_id   A,B
#
# COMPACT_ATOMS: atom_id res chain seq x y z
N ALA A 12 -19.34 -12.45 37.40
CA ALA A 12 -20.25 -11.26 37.36
C ALA A 12 -21.24 -11.38 36.19
N ASN A 13 -22.25 -10.51 36.18
CA ASN A 13 -23.33 -10.54 35.15
C ASN A 13 -22.87 -9.83 33.87
N LEU A 14 -22.09 -8.75 33.97
CA LEU A 14 -21.54 -8.09 32.75
C LEU A 14 -20.51 -9.07 32.14
N LEU A 15 -19.57 -9.56 32.95
CA LEU A 15 -18.54 -10.54 32.52
C LEU A 15 -19.26 -11.73 31.85
N THR A 16 -20.19 -12.37 32.52
CA THR A 16 -20.93 -13.52 31.93
C THR A 16 -21.47 -13.15 30.55
N SER A 17 -22.01 -11.95 30.37
CA SER A 17 -22.67 -11.50 29.11
C SER A 17 -21.62 -11.30 28.02
N LEU A 18 -20.50 -10.67 28.39
CA LEU A 18 -19.32 -10.44 27.51
C LEU A 18 -18.76 -11.79 27.03
N VAL A 19 -18.66 -12.77 27.94
CA VAL A 19 -18.11 -14.12 27.63
C VAL A 19 -19.09 -14.87 26.74
N ARG A 20 -20.39 -14.84 27.07
CA ARG A 20 -21.45 -15.42 26.20
C ARG A 20 -21.24 -14.88 24.77
N ALA A 21 -21.23 -13.55 24.59
CA ALA A 21 -21.14 -12.89 23.25
C ALA A 21 -19.87 -13.31 22.52
N HIS A 22 -18.72 -13.29 23.19
CA HIS A 22 -17.43 -13.69 22.60
C HIS A 22 -17.55 -15.13 22.08
N LEU A 23 -17.93 -16.08 22.94
CA LEU A 23 -18.01 -17.53 22.62
C LEU A 23 -19.01 -17.79 21.48
N ASP A 24 -20.09 -17.02 21.35
CA ASP A 24 -21.09 -17.20 20.26
C ASP A 24 -20.64 -16.53 18.96
N SER A 25 -19.58 -15.70 18.98
CA SER A 25 -19.12 -14.96 17.78
C SER A 25 -18.03 -15.74 17.03
N GLY A 26 -17.67 -16.95 17.48
CA GLY A 26 -16.67 -17.81 16.83
C GLY A 26 -17.08 -19.28 16.85
N PRO A 27 -16.28 -20.17 16.21
CA PRO A 27 -16.54 -21.60 16.24
C PRO A 27 -16.01 -22.34 17.48
N SER A 28 -16.71 -23.40 17.93
CA SER A 28 -16.18 -24.47 18.81
C SER A 28 -15.24 -25.40 18.01
N THR A 29 -14.47 -26.24 18.70
CA THR A 29 -13.60 -27.30 18.10
C THR A 29 -14.40 -28.22 17.17
N ALA A 30 -15.67 -28.46 17.51
CA ALA A 30 -16.63 -29.33 16.77
C ALA A 30 -16.80 -28.83 15.32
N LYS A 31 -17.27 -27.59 15.11
CA LYS A 31 -17.65 -27.08 13.77
CA LYS A 31 -17.64 -27.10 13.76
C LYS A 31 -16.48 -26.31 13.16
N LEU A 32 -15.25 -26.84 13.29
CA LEU A 32 -14.03 -26.36 12.59
C LEU A 32 -14.04 -26.99 11.19
N ASP A 33 -14.11 -26.17 10.14
CA ASP A 33 -14.43 -26.59 8.76
C ASP A 33 -13.12 -26.72 7.97
N TYR A 34 -12.74 -27.97 7.68
CA TYR A 34 -11.49 -28.37 6.98
C TYR A 34 -11.75 -28.67 5.50
N SER A 35 -12.94 -28.31 4.99
CA SER A 35 -13.40 -28.63 3.62
C SER A 35 -12.56 -27.92 2.55
N LYS A 36 -11.78 -26.90 2.92
CA LYS A 36 -10.94 -26.13 1.96
C LYS A 36 -9.48 -26.13 2.40
N PHE A 37 -9.17 -26.66 3.58
CA PHE A 37 -7.80 -26.66 4.13
C PHE A 37 -6.91 -27.54 3.26
N GLN A 38 -5.75 -27.03 2.83
CA GLN A 38 -4.69 -27.82 2.17
C GLN A 38 -3.33 -27.49 2.79
N GLU A 39 -2.64 -28.50 3.30
CA GLU A 39 -1.42 -28.33 4.14
C GLU A 39 -0.32 -27.75 3.26
N LEU A 40 -0.38 -28.04 1.96
CA LEU A 40 0.55 -27.55 0.91
C LEU A 40 -0.31 -26.99 -0.21
N VAL A 41 0.06 -25.83 -0.71
CA VAL A 41 -0.31 -25.40 -2.08
C VAL A 41 0.96 -24.71 -2.59
N LEU A 42 1.10 -24.62 -3.92
CA LEU A 42 2.29 -24.03 -4.56
C LEU A 42 1.86 -22.74 -5.25
N PRO A 43 1.77 -21.60 -4.53
CA PRO A 43 1.35 -20.34 -5.14
C PRO A 43 2.50 -19.64 -5.87
N HIS A 44 2.13 -18.84 -6.89
CA HIS A 44 2.94 -17.73 -7.43
C HIS A 44 2.82 -16.56 -6.43
N PHE A 45 3.84 -16.35 -5.59
CA PHE A 45 3.95 -15.24 -4.58
C PHE A 45 4.04 -13.87 -5.30
N GLY A 46 3.51 -12.81 -4.66
CA GLY A 46 3.55 -11.42 -5.17
C GLY A 46 2.57 -11.17 -6.32
N LYS A 47 1.58 -12.04 -6.47
CA LYS A 47 0.46 -11.88 -7.41
C LYS A 47 -0.73 -12.71 -6.92
N GLU A 48 -1.86 -12.51 -7.57
CA GLU A 48 -3.20 -12.94 -7.09
C GLU A 48 -4.16 -12.97 -8.29
N ASP A 49 -5.24 -13.75 -8.20
CA ASP A 49 -6.30 -13.81 -9.22
C ASP A 49 -7.61 -13.37 -8.55
N ALA A 50 -8.62 -13.14 -9.36
CA ALA A 50 -9.98 -12.68 -8.96
C ALA A 50 -10.50 -13.55 -7.82
N GLY A 51 -10.23 -14.86 -7.89
CA GLY A 51 -10.72 -15.81 -6.86
C GLY A 51 -10.11 -15.52 -5.51
N ASP A 52 -8.80 -15.24 -5.47
CA ASP A 52 -8.06 -14.95 -4.22
C ASP A 52 -8.61 -13.65 -3.63
N VAL A 53 -8.81 -12.63 -4.45
CA VAL A 53 -9.21 -11.27 -3.99
C VAL A 53 -10.67 -11.34 -3.50
N GLN A 54 -11.53 -12.08 -4.20
CA GLN A 54 -12.96 -12.25 -3.79
C GLN A 54 -13.02 -12.89 -2.40
N GLN A 55 -12.19 -13.89 -2.14
CA GLN A 55 -12.21 -14.60 -0.84
C GLN A 55 -11.69 -13.65 0.26
N PHE A 56 -10.61 -12.93 -0.04
CA PHE A 56 -10.08 -11.90 0.89
C PHE A 56 -11.27 -11.03 1.34
N TYR A 57 -11.96 -10.41 0.40
CA TYR A 57 -13.12 -9.52 0.65
C TYR A 57 -14.23 -10.29 1.39
N ASP A 58 -14.48 -11.56 1.05
CA ASP A 58 -15.57 -12.36 1.69
C ASP A 58 -15.24 -12.65 3.16
N LEU A 59 -13.97 -12.93 3.47
CA LEU A 59 -13.52 -13.18 4.87
C LEU A 59 -13.68 -11.89 5.69
N LEU A 60 -13.37 -10.74 5.09
CA LEU A 60 -13.56 -9.42 5.71
C LEU A 60 -15.05 -9.18 6.00
N SER A 61 -15.89 -9.30 4.96
CA SER A 61 -17.38 -9.18 5.02
C SER A 61 -17.95 -10.12 6.08
N GLY A 62 -17.57 -11.39 6.06
CA GLY A 62 -18.03 -12.39 7.05
C GLY A 62 -17.71 -11.99 8.49
N SER A 63 -16.50 -11.49 8.73
CA SER A 63 -16.01 -11.05 10.07
C SER A 63 -16.79 -9.81 10.55
N LEU A 64 -17.07 -8.86 9.66
CA LEU A 64 -17.85 -7.64 9.98
C LEU A 64 -19.29 -8.01 10.35
N GLU A 65 -19.94 -8.89 9.60
CA GLU A 65 -21.30 -9.44 9.87
CA GLU A 65 -21.33 -9.31 9.93
C GLU A 65 -21.32 -10.02 11.29
N VAL A 66 -20.32 -10.85 11.60
CA VAL A 66 -20.17 -11.54 12.91
C VAL A 66 -19.82 -10.54 14.03
N ILE A 67 -18.98 -9.56 13.74
CA ILE A 67 -18.59 -8.54 14.77
C ILE A 67 -19.80 -7.64 15.06
N ARG A 68 -20.64 -7.34 14.07
CA ARG A 68 -21.90 -6.57 14.25
C ARG A 68 -22.81 -7.33 15.24
N LYS A 69 -23.01 -8.64 15.06
CA LYS A 69 -23.87 -9.47 15.95
C LYS A 69 -23.25 -9.62 17.36
N TRP A 70 -21.92 -9.64 17.47
CA TRP A 70 -21.27 -9.69 18.80
C TRP A 70 -21.46 -8.34 19.53
N ALA A 71 -21.29 -7.22 18.83
CA ALA A 71 -21.39 -5.89 19.46
C ALA A 71 -22.81 -5.70 19.98
N GLU A 72 -23.82 -6.08 19.16
CA GLU A 72 -25.27 -6.09 19.47
CA GLU A 72 -25.25 -6.02 19.52
C GLU A 72 -25.54 -6.82 20.81
N LYS A 73 -24.75 -7.79 21.19
CA LYS A 73 -24.98 -8.58 22.44
C LYS A 73 -24.17 -8.01 23.62
N ILE A 74 -23.37 -6.96 23.42
CA ILE A 74 -22.72 -6.29 24.58
C ILE A 74 -23.75 -5.36 25.22
N PRO A 75 -24.09 -5.58 26.52
CA PRO A 75 -25.07 -4.75 27.23
C PRO A 75 -24.76 -3.25 27.15
N GLY A 76 -25.73 -2.48 26.67
CA GLY A 76 -25.60 -1.01 26.53
C GLY A 76 -25.31 -0.60 25.12
N PHE A 77 -24.79 -1.50 24.29
CA PHE A 77 -24.33 -1.14 22.91
C PHE A 77 -25.54 -0.90 22.02
N ALA A 78 -26.54 -1.80 22.06
CA ALA A 78 -27.76 -1.71 21.21
C ALA A 78 -28.53 -0.42 21.52
N GLU A 79 -28.36 0.13 22.72
CA GLU A 79 -29.07 1.38 23.12
C GLU A 79 -28.23 2.63 22.76
N LEU A 80 -27.07 2.50 22.12
CA LEU A 80 -26.40 3.72 21.59
C LEU A 80 -27.14 4.14 20.33
N SER A 81 -26.97 5.40 19.92
CA SER A 81 -27.60 5.92 18.68
C SER A 81 -27.12 5.04 17.53
N PRO A 82 -27.98 4.76 16.51
CA PRO A 82 -27.59 3.97 15.35
C PRO A 82 -26.23 4.42 14.79
N ALA A 83 -26.04 5.74 14.67
CA ALA A 83 -24.83 6.36 14.08
C ALA A 83 -23.61 6.09 14.98
N ASP A 84 -23.77 6.15 16.30
CA ASP A 84 -22.64 5.90 17.23
C ASP A 84 -22.27 4.42 17.11
N GLN A 85 -23.28 3.54 16.98
CA GLN A 85 -23.04 2.09 16.77
C GLN A 85 -22.18 1.92 15.50
N ASP A 86 -22.57 2.55 14.42
CA ASP A 86 -21.89 2.40 13.11
C ASP A 86 -20.47 2.92 13.26
N LEU A 87 -20.30 4.06 13.91
CA LEU A 87 -19.01 4.77 13.98
C LEU A 87 -17.99 3.90 14.73
N LEU A 88 -18.43 3.31 15.84
CA LEU A 88 -17.62 2.42 16.70
C LEU A 88 -17.24 1.17 15.89
N LEU A 89 -18.20 0.57 15.20
CA LEU A 89 -18.02 -0.68 14.43
C LEU A 89 -16.99 -0.46 13.32
N GLU A 90 -17.13 0.59 12.52
CA GLU A 90 -16.18 0.93 11.41
C GLU A 90 -14.78 1.23 11.94
N SER A 91 -14.71 1.99 13.01
CA SER A 91 -13.46 2.55 13.54
C SER A 91 -12.61 1.41 14.10
N ALA A 92 -13.23 0.36 14.64
CA ALA A 92 -12.63 -0.81 15.33
C ALA A 92 -12.61 -2.08 14.47
N PHE A 93 -13.27 -2.11 13.31
CA PHE A 93 -13.49 -3.38 12.57
C PHE A 93 -12.14 -4.08 12.35
N LEU A 94 -11.21 -3.38 11.69
CA LEU A 94 -9.91 -3.92 11.26
C LEU A 94 -9.13 -4.40 12.47
N GLU A 95 -9.11 -3.62 13.54
CA GLU A 95 -8.36 -3.96 14.79
C GLU A 95 -8.98 -5.22 15.43
N LEU A 96 -10.30 -5.38 15.38
CA LEU A 96 -11.02 -6.54 15.96
C LEU A 96 -10.81 -7.76 15.07
N PHE A 97 -10.81 -7.57 13.75
CA PHE A 97 -10.61 -8.69 12.79
C PHE A 97 -9.23 -9.32 13.07
N ILE A 98 -8.21 -8.48 13.11
CA ILE A 98 -6.81 -8.92 13.37
C ILE A 98 -6.70 -9.56 14.77
N LEU A 99 -7.20 -8.90 15.81
CA LEU A 99 -7.08 -9.38 17.22
C LEU A 99 -7.83 -10.72 17.39
N ARG A 100 -9.05 -10.85 16.89
CA ARG A 100 -9.80 -12.11 16.98
C ARG A 100 -9.14 -13.21 16.12
N LEU A 101 -8.64 -12.89 14.94
CA LEU A 101 -8.01 -13.87 14.01
C LEU A 101 -6.71 -14.36 14.64
N ALA A 102 -5.96 -13.44 15.23
CA ALA A 102 -4.74 -13.75 15.99
C ALA A 102 -5.08 -14.65 17.19
N TYR A 103 -6.13 -14.35 17.95
CA TYR A 103 -6.41 -15.08 19.21
C TYR A 103 -6.89 -16.51 18.89
N ARG A 104 -7.66 -16.71 17.82
CA ARG A 104 -8.24 -18.04 17.54
C ARG A 104 -7.34 -18.90 16.63
N SER A 105 -6.29 -18.36 15.99
CA SER A 105 -5.46 -19.09 15.01
C SER A 105 -4.42 -20.00 15.67
N LYS A 106 -3.87 -20.96 14.92
CA LYS A 106 -2.85 -21.95 15.39
C LYS A 106 -1.56 -21.69 14.62
N PRO A 107 -0.72 -20.76 15.10
CA PRO A 107 0.47 -20.36 14.36
C PRO A 107 1.53 -21.48 14.39
N GLY A 108 1.51 -22.36 15.37
CA GLY A 108 2.44 -23.50 15.44
C GLY A 108 2.20 -24.50 14.32
N GLU A 109 1.04 -24.44 13.67
CA GLU A 109 0.70 -25.27 12.48
C GLU A 109 0.45 -24.42 11.23
N GLY A 110 0.85 -23.15 11.19
CA GLY A 110 0.52 -22.26 10.05
C GLY A 110 -0.97 -22.14 9.74
N LYS A 111 -1.84 -22.35 10.74
CA LYS A 111 -3.31 -22.39 10.54
C LYS A 111 -3.97 -21.07 10.96
N LEU A 112 -4.68 -20.46 10.00
CA LEU A 112 -5.58 -19.30 10.20
C LEU A 112 -6.96 -19.91 10.37
N ILE A 113 -7.65 -19.49 11.42
CA ILE A 113 -9.05 -19.89 11.72
C ILE A 113 -9.94 -18.64 11.68
N PHE A 114 -10.73 -18.53 10.64
CA PHE A 114 -11.67 -17.40 10.46
C PHE A 114 -12.92 -17.71 11.28
N CYS A 115 -13.77 -16.69 11.48
CA CYS A 115 -14.91 -16.74 12.43
C CYS A 115 -15.99 -17.72 11.93
N SER A 116 -16.06 -17.98 10.62
CA SER A 116 -16.98 -18.99 10.00
C SER A 116 -16.66 -20.41 10.48
N GLY A 117 -15.47 -20.64 11.05
CA GLY A 117 -14.96 -22.01 11.29
C GLY A 117 -14.01 -22.46 10.18
N LEU A 118 -14.01 -21.79 9.02
CA LEU A 118 -13.04 -22.02 7.90
C LEU A 118 -11.59 -21.98 8.43
N VAL A 119 -10.84 -23.05 8.15
CA VAL A 119 -9.38 -23.18 8.38
C VAL A 119 -8.64 -23.16 7.03
N LEU A 120 -7.57 -22.38 6.97
CA LEU A 120 -6.80 -22.11 5.73
C LEU A 120 -5.33 -22.05 6.14
N HIS A 121 -4.45 -22.62 5.32
CA HIS A 121 -2.99 -22.60 5.53
C HIS A 121 -2.47 -21.17 5.25
N ARG A 122 -1.41 -20.75 5.94
CA ARG A 122 -0.65 -19.51 5.61
C ARG A 122 -0.54 -19.33 4.10
N LEU A 123 -0.12 -20.40 3.41
CA LEU A 123 0.20 -20.42 1.94
C LEU A 123 -1.05 -20.25 1.08
N GLN A 124 -2.20 -20.72 1.56
CA GLN A 124 -3.52 -20.50 0.93
C GLN A 124 -3.96 -19.03 1.12
N CYS A 125 -3.45 -18.33 2.14
CA CYS A 125 -3.87 -16.92 2.40
C CYS A 125 -2.93 -15.94 1.70
N ALA A 126 -1.73 -16.39 1.32
CA ALA A 126 -0.64 -15.55 0.77
C ALA A 126 -1.12 -14.79 -0.47
N ARG A 127 -1.84 -15.42 -1.37
CA ARG A 127 -2.27 -14.74 -2.62
C ARG A 127 -3.22 -13.59 -2.27
N GLY A 128 -4.25 -13.82 -1.48
CA GLY A 128 -5.26 -12.79 -1.16
C GLY A 128 -4.71 -11.70 -0.26
N PHE A 129 -3.98 -12.08 0.78
CA PHE A 129 -3.66 -11.20 1.93
C PHE A 129 -2.27 -10.60 1.77
N GLY A 130 -1.41 -11.23 0.98
CA GLY A 130 0.04 -10.90 0.91
C GLY A 130 0.72 -11.13 2.25
N ASP A 131 1.87 -10.48 2.44
CA ASP A 131 2.70 -10.37 3.67
C ASP A 131 1.85 -10.27 4.94
N TRP A 132 0.77 -9.49 4.87
CA TRP A 132 -0.07 -9.14 6.04
C TRP A 132 -0.38 -10.39 6.89
N ILE A 133 -0.71 -11.51 6.25
CA ILE A 133 -1.13 -12.73 6.98
C ILE A 133 0.08 -13.34 7.71
N ASP A 134 1.26 -13.31 7.12
CA ASP A 134 2.50 -13.71 7.83
C ASP A 134 2.57 -12.91 9.15
N SER A 135 2.35 -11.60 9.09
CA SER A 135 2.52 -10.68 10.24
C SER A 135 1.42 -10.95 11.28
N ILE A 136 0.19 -11.18 10.83
CA ILE A 136 -0.94 -11.53 11.74
C ILE A 136 -0.59 -12.82 12.48
N LEU A 137 0.05 -13.80 11.83
CA LEU A 137 0.50 -15.07 12.50
C LEU A 137 1.62 -14.78 13.50
N ALA A 138 2.54 -13.88 13.18
CA ALA A 138 3.60 -13.42 14.12
C ALA A 138 2.94 -12.86 15.38
N PHE A 139 1.79 -12.19 15.24
CA PHE A 139 1.08 -11.51 16.35
C PHE A 139 0.29 -12.55 17.14
N SER A 140 -0.21 -13.59 16.48
CA SER A 140 -0.81 -14.77 17.13
C SER A 140 0.17 -15.30 18.18
N ARG A 141 1.42 -15.56 17.80
CA ARG A 141 2.47 -16.08 18.72
C ARG A 141 2.64 -15.10 19.88
N SER A 142 2.94 -13.86 19.56
CA SER A 142 3.01 -12.72 20.51
C SER A 142 1.84 -12.77 21.51
N LEU A 143 0.60 -12.88 21.02
CA LEU A 143 -0.63 -12.84 21.85
C LEU A 143 -0.72 -14.08 22.74
N HIS A 144 -0.53 -15.26 22.14
CA HIS A 144 -0.62 -16.60 22.80
C HIS A 144 0.39 -16.66 23.96
N SER A 145 1.56 -16.05 23.82
CA SER A 145 2.63 -16.07 24.84
C SER A 145 2.18 -15.32 26.12
N LEU A 146 1.19 -14.44 26.03
CA LEU A 146 0.73 -13.61 27.18
C LEU A 146 -0.30 -14.39 28.01
N LEU A 147 -0.84 -15.50 27.49
CA LEU A 147 -1.78 -16.37 28.23
C LEU A 147 -2.91 -15.49 28.80
N VAL A 148 -3.66 -14.91 27.89
CA VAL A 148 -4.85 -14.06 28.13
C VAL A 148 -6.05 -15.01 28.17
N ASP A 149 -6.70 -15.19 29.32
CA ASP A 149 -7.87 -16.12 29.42
C ASP A 149 -9.08 -15.54 28.65
N VAL A 150 -10.02 -16.40 28.30
CA VAL A 150 -11.24 -15.98 27.55
C VAL A 150 -11.95 -14.80 28.22
N PRO A 151 -12.16 -14.75 29.55
CA PRO A 151 -12.94 -13.65 30.11
C PRO A 151 -12.23 -12.29 29.94
N ALA A 152 -10.91 -12.25 30.14
CA ALA A 152 -10.09 -11.04 29.93
C ALA A 152 -10.20 -10.59 28.47
N PHE A 153 -9.96 -11.51 27.54
CA PHE A 153 -10.08 -11.25 26.07
C PHE A 153 -11.49 -10.75 25.74
N ALA A 154 -12.50 -11.37 26.35
CA ALA A 154 -13.92 -11.00 26.13
C ALA A 154 -14.07 -9.52 26.52
N CYS A 155 -13.40 -9.06 27.58
CA CYS A 155 -13.46 -7.64 28.02
C CYS A 155 -12.64 -6.74 27.09
N LEU A 156 -11.42 -7.16 26.78
CA LEU A 156 -10.44 -6.34 26.03
C LEU A 156 -10.95 -6.07 24.61
N SER A 157 -11.56 -7.04 23.97
CA SER A 157 -12.14 -6.88 22.61
C SER A 157 -13.25 -5.82 22.70
N ALA A 158 -14.05 -5.84 23.75
CA ALA A 158 -15.15 -4.86 23.91
C ALA A 158 -14.55 -3.47 24.17
N LEU A 159 -13.44 -3.38 24.90
CA LEU A 159 -12.76 -2.08 25.16
C LEU A 159 -12.13 -1.56 23.86
N VAL A 160 -11.77 -2.43 22.93
CA VAL A 160 -11.31 -2.01 21.57
C VAL A 160 -12.48 -1.36 20.84
N LEU A 161 -13.70 -1.85 21.00
CA LEU A 161 -14.90 -1.30 20.30
C LEU A 161 -15.46 -0.05 21.01
N ILE A 162 -15.74 -0.14 22.32
CA ILE A 162 -16.39 0.93 23.15
C ILE A 162 -15.27 1.85 23.65
N THR A 163 -14.94 2.83 22.84
CA THR A 163 -13.84 3.77 23.10
C THR A 163 -14.20 5.11 22.44
N ASP A 164 -13.58 6.17 22.93
CA ASP A 164 -13.72 7.52 22.36
C ASP A 164 -13.41 7.39 20.86
N ARG A 165 -14.21 8.01 20.01
CA ARG A 165 -13.91 8.27 18.58
C ARG A 165 -14.37 9.69 18.23
N HIS A 166 -13.62 10.37 17.39
CA HIS A 166 -14.04 11.68 16.84
C HIS A 166 -15.40 11.49 16.17
N GLY A 167 -16.41 12.31 16.49
CA GLY A 167 -17.73 12.29 15.81
C GLY A 167 -18.82 11.50 16.52
N LEU A 168 -18.53 10.90 17.67
CA LEU A 168 -19.62 10.31 18.50
C LEU A 168 -20.61 11.43 18.87
N GLN A 169 -21.88 11.12 18.76
CA GLN A 169 -23.01 11.97 19.21
C GLN A 169 -23.09 11.96 20.76
N GLU A 170 -22.86 10.81 21.41
CA GLU A 170 -23.02 10.63 22.88
C GLU A 170 -21.73 10.07 23.49
N PRO A 171 -20.64 10.84 23.44
CA PRO A 171 -19.36 10.36 23.96
C PRO A 171 -19.39 9.97 25.45
N ARG A 172 -20.19 10.65 26.26
CA ARG A 172 -20.30 10.35 27.72
C ARG A 172 -20.94 8.98 27.93
N ARG A 173 -21.93 8.57 27.14
CA ARG A 173 -22.55 7.23 27.29
C ARG A 173 -21.49 6.20 26.91
N VAL A 174 -20.67 6.50 25.91
CA VAL A 174 -19.63 5.54 25.48
C VAL A 174 -18.57 5.45 26.59
N GLU A 175 -18.15 6.58 27.18
CA GLU A 175 -17.17 6.56 28.30
C GLU A 175 -17.75 5.82 29.50
N GLU A 176 -19.05 5.94 29.80
CA GLU A 176 -19.68 5.29 30.98
C GLU A 176 -19.59 3.77 30.80
N LEU A 177 -19.90 3.31 29.60
CA LEU A 177 -19.84 1.88 29.20
C LEU A 177 -18.37 1.41 29.18
N GLN A 178 -17.46 2.24 28.73
CA GLN A 178 -16.00 1.98 28.88
C GLN A 178 -15.65 1.76 30.35
N ASN A 179 -16.15 2.62 31.24
CA ASN A 179 -15.89 2.54 32.71
C ASN A 179 -16.35 1.18 33.24
N ARG A 180 -17.60 0.82 32.98
CA ARG A 180 -18.25 -0.44 33.43
C ARG A 180 -17.43 -1.64 32.95
N ILE A 181 -16.89 -1.57 31.74
CA ILE A 181 -16.17 -2.73 31.13
C ILE A 181 -14.75 -2.78 31.71
N ALA A 182 -14.09 -1.63 31.83
CA ALA A 182 -12.78 -1.55 32.51
C ALA A 182 -12.93 -2.10 33.94
N SER A 183 -13.99 -1.71 34.66
CA SER A 183 -14.22 -2.16 36.06
C SER A 183 -14.40 -3.67 36.09
N CYS A 184 -15.24 -4.20 35.21
CA CYS A 184 -15.54 -5.64 35.04
C CYS A 184 -14.23 -6.44 34.85
N LEU A 185 -13.32 -5.94 34.01
CA LEU A 185 -12.01 -6.60 33.76
C LEU A 185 -11.15 -6.59 35.04
N LYS A 186 -11.09 -5.47 35.75
CA LYS A 186 -10.27 -5.29 37.01
C LYS A 186 -10.71 -6.33 38.04
N GLU A 187 -12.01 -6.53 38.20
CA GLU A 187 -12.68 -7.49 39.11
C GLU A 187 -12.22 -8.91 38.77
N HIS A 188 -12.23 -9.26 37.47
CA HIS A 188 -11.84 -10.59 36.92
C HIS A 188 -10.34 -10.85 37.12
N VAL A 189 -9.45 -9.87 36.99
CA VAL A 189 -7.99 -10.12 37.19
C VAL A 189 -7.66 -10.11 38.69
N ALA A 190 -8.58 -9.64 39.54
CA ALA A 190 -8.48 -9.69 41.02
C ALA A 190 -8.93 -11.10 41.49
N ALA A 191 -10.00 -11.62 40.89
CA ALA A 191 -10.60 -12.95 41.19
C ALA A 191 -9.66 -14.10 40.77
N VAL A 192 -8.74 -13.86 39.83
CA VAL A 192 -7.79 -14.88 39.31
C VAL A 192 -6.45 -14.74 40.03
N ALA A 193 -5.99 -13.51 40.30
CA ALA A 193 -4.78 -13.22 41.11
C ALA A 193 -4.92 -13.83 42.51
N GLY A 194 -6.16 -13.90 43.02
CA GLY A 194 -6.51 -14.49 44.34
C GLY A 194 -7.19 -13.47 45.24
N CYS A 201 0.76 -8.27 33.88
CA CYS A 201 0.47 -8.73 32.49
C CYS A 201 -0.25 -7.64 31.68
N LEU A 202 -0.68 -6.54 32.33
CA LEU A 202 -1.46 -5.45 31.69
C LEU A 202 -0.51 -4.45 31.03
N SER A 203 0.59 -4.13 31.70
CA SER A 203 1.76 -3.44 31.09
C SER A 203 2.20 -4.22 29.85
N ARG A 204 2.24 -5.56 29.93
CA ARG A 204 2.83 -6.44 28.87
C ARG A 204 1.87 -6.48 27.67
N LEU A 205 0.57 -6.59 27.93
CA LEU A 205 -0.48 -6.55 26.88
C LEU A 205 -0.41 -5.24 26.10
N LEU A 206 -0.26 -4.11 26.80
CA LEU A 206 -0.22 -2.77 26.19
C LEU A 206 1.06 -2.60 25.36
N GLY A 207 2.11 -3.33 25.73
CA GLY A 207 3.37 -3.46 24.98
C GLY A 207 3.15 -3.88 23.53
N LYS A 208 2.07 -4.60 23.24
CA LYS A 208 1.74 -5.23 21.92
C LYS A 208 0.91 -4.27 21.06
N LEU A 209 0.39 -3.20 21.62
CA LEU A 209 -0.56 -2.30 20.91
C LEU A 209 0.11 -1.66 19.70
N PRO A 210 1.43 -1.36 19.71
CA PRO A 210 2.15 -0.94 18.51
C PRO A 210 2.22 -1.95 17.34
N GLU A 211 2.40 -3.25 17.62
CA GLU A 211 2.38 -4.27 16.53
C GLU A 211 1.00 -4.23 15.89
N LEU A 212 -0.04 -4.07 16.72
CA LEU A 212 -1.46 -4.19 16.34
C LEU A 212 -1.88 -3.00 15.49
N ARG A 213 -1.42 -1.80 15.85
CA ARG A 213 -1.63 -0.57 15.05
C ARG A 213 -0.92 -0.74 13.69
N THR A 214 0.26 -1.34 13.71
CA THR A 214 1.05 -1.62 12.49
C THR A 214 0.29 -2.61 11.61
N LEU A 215 -0.37 -3.60 12.21
CA LEU A 215 -1.14 -4.62 11.47
C LEU A 215 -2.40 -3.96 10.87
N CYS A 216 -3.01 -3.03 11.56
CA CYS A 216 -4.16 -2.29 10.99
C CYS A 216 -3.70 -1.53 9.75
N THR A 217 -2.58 -0.79 9.84
CA THR A 217 -1.97 -0.06 8.70
C THR A 217 -1.67 -1.04 7.52
N GLN A 218 -1.13 -2.23 7.79
CA GLN A 218 -0.80 -3.23 6.74
C GLN A 218 -2.09 -3.63 6.01
N GLY A 219 -3.16 -3.81 6.77
CA GLY A 219 -4.51 -4.11 6.26
C GLY A 219 -4.97 -3.04 5.31
N LEU A 220 -4.84 -1.77 5.69
CA LEU A 220 -5.29 -0.63 4.85
C LEU A 220 -4.39 -0.60 3.61
N GLN A 221 -3.10 -0.90 3.75
CA GLN A 221 -2.11 -0.95 2.63
C GLN A 221 -2.57 -2.01 1.62
N ARG A 222 -3.03 -3.13 2.10
CA ARG A 222 -3.41 -4.28 1.25
C ARG A 222 -4.72 -3.94 0.52
N ILE A 223 -5.65 -3.24 1.16
CA ILE A 223 -6.95 -2.92 0.52
C ILE A 223 -6.67 -1.88 -0.55
N PHE A 224 -5.77 -0.95 -0.25
CA PHE A 224 -5.39 0.11 -1.21
C PHE A 224 -4.82 -0.57 -2.45
N TYR A 225 -3.87 -1.46 -2.25
CA TYR A 225 -3.20 -2.21 -3.35
C TYR A 225 -4.26 -2.95 -4.17
N LEU A 226 -5.18 -3.65 -3.54
CA LEU A 226 -6.20 -4.48 -4.23
C LEU A 226 -7.22 -3.58 -4.95
N LYS A 227 -7.48 -2.38 -4.43
CA LYS A 227 -8.34 -1.37 -5.09
C LYS A 227 -7.63 -0.81 -6.33
N LEU A 228 -6.32 -0.53 -6.23
CA LEU A 228 -5.46 -0.13 -7.37
C LEU A 228 -5.53 -1.18 -8.47
N GLU A 229 -5.45 -2.45 -8.11
CA GLU A 229 -5.36 -3.57 -9.05
C GLU A 229 -6.77 -3.86 -9.60
N ASP A 230 -7.80 -3.58 -8.81
CA ASP A 230 -9.22 -3.71 -9.20
C ASP A 230 -9.48 -4.99 -10.01
N LEU A 231 -8.92 -6.14 -9.64
CA LEU A 231 -9.31 -7.46 -10.22
C LEU A 231 -10.82 -7.66 -10.04
N VAL A 232 -11.31 -7.37 -8.85
CA VAL A 232 -12.76 -7.33 -8.50
C VAL A 232 -12.90 -6.16 -7.54
N PRO A 233 -14.04 -5.43 -7.57
CA PRO A 233 -14.22 -4.31 -6.66
C PRO A 233 -14.44 -4.78 -5.23
N PRO A 234 -14.05 -3.96 -4.24
CA PRO A 234 -14.29 -4.28 -2.84
C PRO A 234 -15.79 -4.16 -2.56
N PRO A 235 -16.33 -4.91 -1.58
CA PRO A 235 -17.73 -4.79 -1.19
C PRO A 235 -18.03 -3.39 -0.69
N PRO A 236 -19.20 -2.81 -1.02
CA PRO A 236 -19.54 -1.45 -0.59
C PRO A 236 -19.22 -1.16 0.88
N ILE A 237 -19.53 -2.06 1.79
CA ILE A 237 -19.46 -1.76 3.25
C ILE A 237 -18.00 -1.68 3.70
N ILE A 238 -17.11 -2.50 3.11
CA ILE A 238 -15.65 -2.54 3.40
C ILE A 238 -15.01 -1.30 2.81
N ASP A 239 -15.47 -0.92 1.61
CA ASP A 239 -14.92 0.26 0.88
C ASP A 239 -15.25 1.51 1.70
N LYS A 240 -16.38 1.52 2.42
CA LYS A 240 -16.78 2.69 3.23
C LYS A 240 -15.88 2.76 4.46
N ILE A 241 -15.68 1.63 5.12
CA ILE A 241 -14.74 1.54 6.29
C ILE A 241 -13.36 1.99 5.81
N PHE A 242 -12.91 1.50 4.65
CA PHE A 242 -11.60 1.89 4.09
C PHE A 242 -11.61 3.41 3.97
N MET A 243 -12.54 4.00 3.23
CA MET A 243 -12.58 5.48 2.94
C MET A 243 -12.77 6.28 4.24
N ASP A 244 -13.70 5.89 5.12
CA ASP A 244 -14.02 6.63 6.36
C ASP A 244 -12.84 6.57 7.33
N THR A 245 -11.90 5.65 7.16
CA THR A 245 -10.76 5.42 8.10
C THR A 245 -9.56 6.30 7.68
N LEU A 246 -9.46 6.64 6.41
CA LEU A 246 -8.31 7.40 5.84
C LEU A 246 -8.38 8.82 6.39
N PRO A 247 -7.47 9.25 7.31
CA PRO A 247 -7.43 10.65 7.75
C PRO A 247 -6.95 11.66 6.67
N PHE A 248 -7.71 11.80 5.57
CA PHE A 248 -7.43 12.68 4.38
C PHE A 248 -8.49 12.40 3.28
N PRO B 11 13.59 13.54 -39.33
CA PRO B 11 12.92 12.39 -38.71
C PRO B 11 13.66 11.08 -38.39
N ALA B 12 15.01 11.05 -38.24
CA ALA B 12 15.99 11.94 -38.84
C ALA B 12 16.42 13.07 -37.89
N ASN B 13 15.91 14.28 -38.14
CA ASN B 13 15.93 15.45 -37.23
C ASN B 13 15.00 15.20 -36.01
N LEU B 14 14.13 14.19 -36.04
CA LEU B 14 13.27 13.83 -34.86
C LEU B 14 14.13 13.16 -33.80
N LEU B 15 14.82 12.07 -34.16
CA LEU B 15 15.79 11.39 -33.28
C LEU B 15 16.73 12.43 -32.64
N THR B 16 17.31 13.33 -33.44
CA THR B 16 18.28 14.37 -32.99
C THR B 16 17.59 15.31 -32.01
N SER B 17 16.34 15.68 -32.28
CA SER B 17 15.53 16.55 -31.40
C SER B 17 15.33 15.86 -30.05
N LEU B 18 15.01 14.58 -30.09
CA LEU B 18 14.77 13.76 -28.86
C LEU B 18 16.07 13.64 -28.06
N VAL B 19 17.21 13.36 -28.71
CA VAL B 19 18.54 13.28 -28.02
C VAL B 19 18.84 14.63 -27.36
N ARG B 20 18.64 15.73 -28.06
CA ARG B 20 18.97 17.10 -27.53
C ARG B 20 18.12 17.35 -26.28
N ALA B 21 16.83 16.99 -26.32
CA ALA B 21 15.87 17.17 -25.20
C ALA B 21 16.38 16.39 -23.98
N HIS B 22 16.68 15.11 -24.15
CA HIS B 22 17.23 14.20 -23.11
C HIS B 22 18.49 14.80 -22.48
N LEU B 23 19.53 15.06 -23.27
CA LEU B 23 20.82 15.57 -22.73
C LEU B 23 20.63 16.93 -22.07
N ASP B 24 19.72 17.81 -22.53
CA ASP B 24 19.55 19.14 -21.86
C ASP B 24 18.70 19.02 -20.59
N SER B 25 18.07 17.87 -20.33
CA SER B 25 17.18 17.68 -19.15
C SER B 25 17.95 17.13 -17.93
N GLY B 26 19.24 16.87 -18.05
CA GLY B 26 20.01 16.13 -17.04
C GLY B 26 21.29 16.88 -16.72
N PRO B 27 22.04 16.49 -15.66
CA PRO B 27 23.27 17.18 -15.27
C PRO B 27 24.47 16.82 -16.17
N SER B 28 25.17 17.84 -16.62
CA SER B 28 26.55 17.74 -17.20
C SER B 28 27.43 17.07 -16.15
N THR B 29 28.22 16.07 -16.57
CA THR B 29 29.18 15.30 -15.72
C THR B 29 29.99 16.27 -14.84
N ALA B 30 30.12 17.55 -15.22
CA ALA B 30 30.65 18.63 -14.37
C ALA B 30 29.73 18.93 -13.18
N LYS B 31 28.44 19.21 -13.39
CA LYS B 31 27.49 19.71 -12.33
C LYS B 31 27.11 18.61 -11.32
N LEU B 32 27.63 17.39 -11.47
CA LEU B 32 27.49 16.27 -10.50
C LEU B 32 28.04 16.73 -9.14
N ASP B 33 27.29 16.53 -8.07
CA ASP B 33 27.55 17.09 -6.71
C ASP B 33 27.66 15.93 -5.71
N TYR B 34 28.84 15.74 -5.15
CA TYR B 34 29.14 14.64 -4.20
C TYR B 34 29.27 15.14 -2.77
N SER B 35 29.00 16.42 -2.51
CA SER B 35 29.19 17.11 -1.20
C SER B 35 28.42 16.39 -0.09
N LYS B 36 27.30 15.75 -0.42
CA LYS B 36 26.38 15.13 0.55
C LYS B 36 26.48 13.61 0.46
N PHE B 37 27.26 13.07 -0.48
CA PHE B 37 27.47 11.61 -0.65
C PHE B 37 28.27 11.04 0.54
N GLN B 38 27.67 10.08 1.25
CA GLN B 38 28.28 9.28 2.36
C GLN B 38 28.41 7.84 1.85
N GLU B 39 29.63 7.30 1.79
CA GLU B 39 29.93 5.95 1.22
C GLU B 39 29.66 4.86 2.29
N LEU B 40 29.76 5.19 3.59
CA LEU B 40 29.28 4.39 4.76
C LEU B 40 28.34 5.26 5.60
N VAL B 41 27.21 4.72 6.12
CA VAL B 41 26.22 5.47 6.96
C VAL B 41 26.23 4.92 8.40
N LYS B 47 12.05 3.68 12.38
CA LYS B 47 11.57 3.88 10.98
C LYS B 47 11.97 5.30 10.51
N GLU B 48 11.52 5.68 9.30
CA GLU B 48 11.67 7.04 8.75
C GLU B 48 11.30 8.06 9.84
N ASP B 49 11.99 9.21 9.86
CA ASP B 49 11.50 10.40 10.58
C ASP B 49 11.06 11.43 9.53
N ALA B 50 10.76 12.65 9.97
CA ALA B 50 10.19 13.74 9.13
C ALA B 50 11.15 14.12 8.00
N GLY B 51 12.46 14.11 8.27
CA GLY B 51 13.54 14.56 7.35
C GLY B 51 13.69 13.60 6.18
N ASP B 52 13.52 12.31 6.43
CA ASP B 52 13.46 11.25 5.40
C ASP B 52 12.24 11.49 4.51
N VAL B 53 11.10 11.85 5.08
CA VAL B 53 9.86 12.00 4.27
C VAL B 53 10.01 13.28 3.45
N GLN B 54 10.46 14.36 4.10
CA GLN B 54 10.71 15.67 3.45
C GLN B 54 11.67 15.47 2.28
N GLN B 55 12.73 14.68 2.47
CA GLN B 55 13.76 14.44 1.42
C GLN B 55 13.12 13.69 0.24
N PHE B 56 12.40 12.60 0.53
CA PHE B 56 11.65 11.80 -0.47
C PHE B 56 10.79 12.76 -1.31
N TYR B 57 9.96 13.58 -0.69
CA TYR B 57 9.08 14.52 -1.42
C TYR B 57 9.92 15.53 -2.22
N ASP B 58 11.06 16.00 -1.67
CA ASP B 58 11.99 16.97 -2.32
C ASP B 58 12.63 16.32 -3.56
N LEU B 59 13.09 15.08 -3.45
CA LEU B 59 13.72 14.35 -4.58
C LEU B 59 12.68 14.18 -5.70
N LEU B 60 11.44 13.82 -5.38
CA LEU B 60 10.35 13.67 -6.37
C LEU B 60 10.10 15.02 -7.05
N SER B 61 9.90 16.08 -6.24
CA SER B 61 9.57 17.45 -6.68
C SER B 61 10.65 18.02 -7.60
N GLY B 62 11.93 17.81 -7.31
CA GLY B 62 13.05 18.31 -8.14
C GLY B 62 12.92 17.96 -9.63
N SER B 63 12.22 16.88 -10.01
CA SER B 63 12.05 16.39 -11.40
C SER B 63 10.84 17.05 -12.10
N LEU B 64 9.92 17.62 -11.34
CA LEU B 64 8.65 18.21 -11.85
C LEU B 64 8.94 19.17 -13.00
N GLU B 65 9.70 20.25 -12.75
CA GLU B 65 9.95 21.29 -13.79
C GLU B 65 10.84 20.72 -14.91
N VAL B 66 11.81 19.87 -14.57
CA VAL B 66 12.79 19.32 -15.54
C VAL B 66 12.07 18.42 -16.56
N ILE B 67 11.11 17.60 -16.11
CA ILE B 67 10.35 16.67 -17.00
C ILE B 67 9.38 17.47 -17.87
N ARG B 68 8.80 18.56 -17.34
CA ARG B 68 7.93 19.49 -18.09
C ARG B 68 8.75 20.15 -19.21
N LYS B 69 9.92 20.72 -18.89
CA LYS B 69 10.77 21.39 -19.91
C LYS B 69 11.22 20.35 -20.96
N TRP B 70 11.52 19.12 -20.54
CA TRP B 70 11.92 18.05 -21.47
C TRP B 70 10.75 17.74 -22.42
N ALA B 71 9.54 17.55 -21.90
CA ALA B 71 8.36 17.17 -22.70
C ALA B 71 8.12 18.22 -23.79
N GLU B 72 8.24 19.50 -23.44
CA GLU B 72 7.85 20.58 -24.38
CA GLU B 72 7.90 20.63 -24.35
C GLU B 72 8.84 20.60 -25.55
N LYS B 73 10.05 20.07 -25.36
CA LYS B 73 11.10 20.00 -26.42
C LYS B 73 10.96 18.71 -27.23
N ILE B 74 9.91 17.92 -27.03
CA ILE B 74 9.63 16.74 -27.91
C ILE B 74 8.80 17.22 -29.11
N PRO B 75 9.35 17.18 -30.34
CA PRO B 75 8.58 17.61 -31.51
C PRO B 75 7.24 16.89 -31.57
N GLY B 76 6.16 17.68 -31.63
CA GLY B 76 4.79 17.17 -31.64
C GLY B 76 4.10 17.40 -30.33
N PHE B 77 4.84 17.44 -29.21
CA PHE B 77 4.19 17.37 -27.88
C PHE B 77 3.41 18.66 -27.64
N ALA B 78 3.94 19.81 -28.03
CA ALA B 78 3.26 21.11 -27.79
C ALA B 78 2.08 21.30 -28.76
N GLU B 79 2.05 20.53 -29.86
CA GLU B 79 0.94 20.48 -30.84
C GLU B 79 -0.27 19.75 -30.26
N LEU B 80 -0.15 18.99 -29.17
CA LEU B 80 -1.29 18.29 -28.52
C LEU B 80 -2.11 19.31 -27.73
N SER B 81 -3.38 19.03 -27.46
CA SER B 81 -4.22 19.94 -26.66
C SER B 81 -3.55 20.18 -25.30
N PRO B 82 -3.68 21.38 -24.67
CA PRO B 82 -3.12 21.61 -23.33
C PRO B 82 -3.63 20.61 -22.26
N ALA B 83 -4.87 20.18 -22.33
CA ALA B 83 -5.46 19.19 -21.38
C ALA B 83 -4.76 17.84 -21.57
N ASP B 84 -4.57 17.38 -22.81
CA ASP B 84 -3.85 16.10 -23.10
C ASP B 84 -2.41 16.21 -22.58
N GLN B 85 -1.74 17.35 -22.75
CA GLN B 85 -0.35 17.55 -22.28
C GLN B 85 -0.30 17.32 -20.77
N ASP B 86 -1.11 18.06 -20.02
CA ASP B 86 -1.14 18.02 -18.54
C ASP B 86 -1.43 16.59 -18.09
N LEU B 87 -2.36 15.91 -18.78
CA LEU B 87 -2.81 14.53 -18.47
C LEU B 87 -1.64 13.57 -18.72
N LEU B 88 -1.00 13.66 -19.88
CA LEU B 88 0.15 12.78 -20.21
C LEU B 88 1.26 13.01 -19.18
N LEU B 89 1.54 14.26 -18.79
CA LEU B 89 2.66 14.60 -17.87
C LEU B 89 2.39 13.95 -16.52
N GLU B 90 1.18 14.15 -16.01
CA GLU B 90 0.71 13.71 -14.67
C GLU B 90 0.72 12.18 -14.62
N SER B 91 0.13 11.56 -15.63
CA SER B 91 0.01 10.09 -15.77
C SER B 91 1.41 9.45 -15.82
N ALA B 92 2.39 10.11 -16.44
CA ALA B 92 3.70 9.50 -16.76
C ALA B 92 4.79 9.88 -15.74
N PHE B 93 4.51 10.81 -14.82
CA PHE B 93 5.55 11.44 -13.97
C PHE B 93 6.39 10.39 -13.22
N LEU B 94 5.74 9.52 -12.47
CA LEU B 94 6.38 8.53 -11.58
C LEU B 94 7.25 7.62 -12.45
N GLU B 95 6.70 7.14 -13.56
CA GLU B 95 7.44 6.27 -14.49
C GLU B 95 8.63 7.03 -15.10
N LEU B 96 8.45 8.31 -15.43
CA LEU B 96 9.56 9.11 -16.03
C LEU B 96 10.65 9.28 -14.98
N PHE B 97 10.23 9.51 -13.73
CA PHE B 97 11.14 9.65 -12.58
C PHE B 97 11.96 8.36 -12.40
N ILE B 98 11.31 7.20 -12.38
CA ILE B 98 11.94 5.88 -12.08
C ILE B 98 12.96 5.59 -13.21
N LEU B 99 12.54 5.75 -14.47
CA LEU B 99 13.32 5.32 -15.65
C LEU B 99 14.55 6.22 -15.81
N ARG B 100 14.37 7.54 -15.76
CA ARG B 100 15.52 8.49 -15.84
C ARG B 100 16.49 8.23 -14.67
N LEU B 101 15.99 7.95 -13.47
CA LEU B 101 16.83 7.68 -12.28
C LEU B 101 17.58 6.38 -12.54
N ALA B 102 16.86 5.35 -12.99
CA ALA B 102 17.45 4.03 -13.24
C ALA B 102 18.59 4.21 -14.25
N TYR B 103 18.37 4.97 -15.31
CA TYR B 103 19.35 5.10 -16.42
C TYR B 103 20.56 5.89 -15.95
N ARG B 104 20.33 6.90 -15.11
CA ARG B 104 21.35 7.90 -14.71
C ARG B 104 22.20 7.33 -13.56
N SER B 105 21.70 6.33 -12.86
CA SER B 105 22.29 5.85 -11.60
C SER B 105 23.26 4.69 -11.88
N LYS B 106 24.11 4.39 -10.91
CA LYS B 106 25.14 3.32 -10.98
C LYS B 106 24.78 2.27 -9.95
N PRO B 107 23.92 1.28 -10.30
CA PRO B 107 23.42 0.31 -9.31
C PRO B 107 24.57 -0.56 -8.76
N GLY B 108 25.57 -0.85 -9.58
CA GLY B 108 26.84 -1.50 -9.18
C GLY B 108 27.33 -1.02 -7.82
N GLU B 109 27.15 0.27 -7.53
CA GLU B 109 27.73 0.95 -6.35
C GLU B 109 26.64 1.48 -5.42
N GLY B 110 25.36 1.14 -5.67
CA GLY B 110 24.19 1.73 -4.98
C GLY B 110 24.13 3.24 -5.05
N LYS B 111 24.73 3.87 -6.07
CA LYS B 111 24.77 5.35 -6.24
C LYS B 111 23.50 5.78 -6.98
N LEU B 112 22.64 6.58 -6.32
CA LEU B 112 21.49 7.26 -6.98
C LEU B 112 21.99 8.63 -7.43
N ILE B 113 21.78 8.96 -8.69
CA ILE B 113 22.04 10.33 -9.22
C ILE B 113 20.72 10.98 -9.65
N PHE B 114 20.36 12.07 -8.99
CA PHE B 114 19.14 12.87 -9.26
C PHE B 114 19.46 13.86 -10.41
N CYS B 115 18.42 14.34 -11.10
CA CYS B 115 18.54 15.18 -12.31
C CYS B 115 19.13 16.55 -11.96
N SER B 116 19.11 16.95 -10.69
CA SER B 116 19.85 18.14 -10.17
C SER B 116 21.36 17.90 -10.11
N GLY B 117 21.85 16.66 -10.26
CA GLY B 117 23.27 16.34 -10.02
C GLY B 117 23.54 15.78 -8.63
N LEU B 118 22.65 16.01 -7.65
CA LEU B 118 22.82 15.41 -6.31
C LEU B 118 23.07 13.91 -6.46
N VAL B 119 24.14 13.42 -5.83
CA VAL B 119 24.51 11.97 -5.73
C VAL B 119 24.38 11.51 -4.27
N LEU B 120 23.77 10.35 -4.07
CA LEU B 120 23.39 9.76 -2.76
C LEU B 120 23.54 8.24 -2.85
N HIS B 121 23.90 7.60 -1.73
CA HIS B 121 23.95 6.12 -1.57
C HIS B 121 22.53 5.63 -1.24
N ARG B 122 22.16 4.39 -1.59
CA ARG B 122 20.76 3.91 -1.37
C ARG B 122 20.36 4.06 0.10
N LEU B 123 21.30 3.89 1.02
CA LEU B 123 21.00 3.89 2.47
C LEU B 123 20.77 5.33 2.96
N GLN B 124 21.13 6.34 2.18
CA GLN B 124 20.82 7.77 2.53
C GLN B 124 19.39 8.14 2.04
N CYS B 125 18.73 7.30 1.23
CA CYS B 125 17.32 7.51 0.77
C CYS B 125 16.35 6.41 1.22
N ALA B 126 16.86 5.25 1.66
CA ALA B 126 16.05 4.03 1.89
C ALA B 126 14.90 4.33 2.84
N ARG B 127 15.13 5.09 3.91
CA ARG B 127 14.12 5.38 4.94
C ARG B 127 12.98 6.19 4.29
N GLY B 128 13.29 7.16 3.44
CA GLY B 128 12.26 7.92 2.70
C GLY B 128 11.50 7.07 1.71
N PHE B 129 12.21 6.32 0.86
CA PHE B 129 11.64 5.62 -0.31
C PHE B 129 11.01 4.28 0.11
N GLY B 130 11.45 3.71 1.25
CA GLY B 130 11.21 2.29 1.66
C GLY B 130 11.75 1.27 0.66
N ASP B 131 11.31 0.00 0.75
CA ASP B 131 11.57 -1.11 -0.21
C ASP B 131 11.75 -0.63 -1.66
N TRP B 132 10.92 0.32 -2.09
CA TRP B 132 10.78 0.78 -3.49
C TRP B 132 12.16 1.06 -4.12
N ILE B 133 13.12 1.59 -3.35
CA ILE B 133 14.49 1.97 -3.85
C ILE B 133 15.27 0.71 -4.30
N ASP B 134 15.06 -0.44 -3.65
CA ASP B 134 15.74 -1.71 -4.00
C ASP B 134 15.16 -2.18 -5.33
N SER B 135 13.85 -2.06 -5.49
CA SER B 135 13.13 -2.42 -6.74
C SER B 135 13.65 -1.53 -7.88
N ILE B 136 13.70 -0.23 -7.63
CA ILE B 136 14.21 0.79 -8.60
C ILE B 136 15.65 0.41 -8.97
N LEU B 137 16.47 0.04 -7.97
CA LEU B 137 17.90 -0.32 -8.22
C LEU B 137 17.99 -1.67 -8.95
N ALA B 138 17.13 -2.65 -8.62
CA ALA B 138 17.00 -3.92 -9.36
C ALA B 138 16.71 -3.63 -10.84
N PHE B 139 15.77 -2.71 -11.11
CA PHE B 139 15.37 -2.29 -12.47
C PHE B 139 16.56 -1.63 -13.18
N SER B 140 17.33 -0.85 -12.43
CA SER B 140 18.50 -0.13 -12.99
C SER B 140 19.55 -1.12 -13.49
N ARG B 141 19.96 -2.08 -12.66
CA ARG B 141 20.89 -3.19 -13.05
CA ARG B 141 20.96 -3.08 -13.12
C ARG B 141 20.39 -3.82 -14.35
N SER B 142 19.10 -4.08 -14.42
CA SER B 142 18.46 -4.71 -15.59
C SER B 142 18.53 -3.79 -16.82
N LEU B 143 18.24 -2.51 -16.61
CA LEU B 143 18.29 -1.49 -17.70
C LEU B 143 19.73 -1.44 -18.22
N HIS B 144 20.71 -1.30 -17.32
CA HIS B 144 22.16 -1.26 -17.64
C HIS B 144 22.57 -2.49 -18.48
N SER B 145 22.09 -3.69 -18.15
CA SER B 145 22.40 -4.96 -18.84
C SER B 145 22.14 -4.84 -20.35
N LEU B 146 21.11 -4.10 -20.75
CA LEU B 146 20.67 -3.95 -22.16
C LEU B 146 21.60 -2.97 -22.91
N LEU B 147 22.50 -2.28 -22.20
CA LEU B 147 23.47 -1.33 -22.79
C LEU B 147 22.71 -0.45 -23.78
N VAL B 148 21.61 0.16 -23.32
CA VAL B 148 20.70 1.01 -24.14
C VAL B 148 21.41 2.33 -24.45
N ASP B 149 21.55 2.69 -25.74
CA ASP B 149 22.33 3.88 -26.14
C ASP B 149 21.43 5.10 -26.02
N VAL B 150 22.01 6.28 -25.85
CA VAL B 150 21.27 7.53 -25.50
C VAL B 150 20.09 7.71 -26.47
N PRO B 151 20.30 7.60 -27.80
CA PRO B 151 19.19 7.75 -28.75
C PRO B 151 18.02 6.77 -28.54
N ALA B 152 18.33 5.54 -28.20
CA ALA B 152 17.29 4.51 -27.97
C ALA B 152 16.49 4.94 -26.74
N PHE B 153 17.20 5.45 -25.74
CA PHE B 153 16.64 5.84 -24.43
C PHE B 153 15.82 7.13 -24.60
N ALA B 154 16.36 8.08 -25.37
CA ALA B 154 15.70 9.34 -25.79
C ALA B 154 14.32 9.05 -26.37
N CYS B 155 14.15 7.99 -27.18
CA CYS B 155 12.82 7.57 -27.71
C CYS B 155 12.04 6.78 -26.63
N LEU B 156 12.68 5.85 -25.94
CA LEU B 156 12.03 5.05 -24.86
C LEU B 156 11.28 6.00 -23.91
N SER B 157 11.98 6.97 -23.34
CA SER B 157 11.43 7.93 -22.36
C SER B 157 10.23 8.66 -22.98
N ALA B 158 10.32 9.09 -24.24
CA ALA B 158 9.21 9.75 -24.98
C ALA B 158 8.02 8.81 -25.12
N LEU B 159 8.27 7.52 -25.39
CA LEU B 159 7.20 6.51 -25.56
C LEU B 159 6.40 6.35 -24.26
N VAL B 160 7.07 6.53 -23.13
CA VAL B 160 6.46 6.46 -21.77
C VAL B 160 5.52 7.66 -21.60
N LEU B 161 5.88 8.81 -22.16
CA LEU B 161 5.10 10.05 -22.00
C LEU B 161 3.94 10.00 -22.99
N ILE B 162 4.25 9.67 -24.25
CA ILE B 162 3.31 9.76 -25.41
C ILE B 162 2.69 8.36 -25.61
N THR B 163 1.58 8.11 -24.90
CA THR B 163 0.97 6.76 -24.77
C THR B 163 -0.50 6.94 -24.42
N ASP B 164 -1.34 5.98 -24.79
CA ASP B 164 -2.79 6.04 -24.48
C ASP B 164 -2.97 6.15 -22.96
N ARG B 165 -3.87 7.05 -22.53
CA ARG B 165 -4.28 7.26 -21.11
C ARG B 165 -5.79 7.49 -21.11
N HIS B 166 -6.43 7.25 -19.97
CA HIS B 166 -7.89 7.49 -19.81
C HIS B 166 -8.11 9.00 -19.73
N GLY B 167 -9.04 9.50 -20.56
CA GLY B 167 -9.51 10.89 -20.54
C GLY B 167 -8.82 11.77 -21.57
N LEU B 168 -8.10 11.19 -22.52
CA LEU B 168 -7.51 11.95 -23.66
C LEU B 168 -8.63 12.54 -24.54
N GLN B 169 -8.49 13.82 -24.93
CA GLN B 169 -9.35 14.51 -25.90
C GLN B 169 -9.02 14.01 -27.32
N GLU B 170 -7.75 13.89 -27.69
CA GLU B 170 -7.34 13.53 -29.08
C GLU B 170 -6.50 12.24 -29.09
N PRO B 171 -7.04 11.12 -28.58
CA PRO B 171 -6.28 9.86 -28.53
C PRO B 171 -5.67 9.41 -29.88
N ARG B 172 -6.31 9.70 -31.01
CA ARG B 172 -5.76 9.39 -32.35
C ARG B 172 -4.41 10.12 -32.51
N ARG B 173 -4.36 11.41 -32.14
CA ARG B 173 -3.19 12.31 -32.38
C ARG B 173 -2.02 11.89 -31.48
N VAL B 174 -2.34 11.56 -30.22
CA VAL B 174 -1.36 11.06 -29.23
C VAL B 174 -0.79 9.73 -29.75
N GLU B 175 -1.62 8.93 -30.42
CA GLU B 175 -1.22 7.60 -30.92
C GLU B 175 -0.42 7.80 -32.21
N GLU B 176 -0.73 8.85 -32.98
CA GLU B 176 0.03 9.19 -34.22
C GLU B 176 1.45 9.59 -33.83
N LEU B 177 1.57 10.47 -32.81
CA LEU B 177 2.88 10.95 -32.30
C LEU B 177 3.69 9.76 -31.77
N GLN B 178 3.08 8.89 -30.97
CA GLN B 178 3.73 7.67 -30.42
C GLN B 178 4.34 6.86 -31.58
N ASN B 179 3.60 6.66 -32.67
CA ASN B 179 3.97 5.77 -33.81
C ASN B 179 5.17 6.38 -34.54
N ARG B 180 5.12 7.69 -34.79
CA ARG B 180 6.27 8.44 -35.33
C ARG B 180 7.52 8.10 -34.48
N ILE B 181 7.38 8.11 -33.15
CA ILE B 181 8.54 8.00 -32.21
C ILE B 181 9.01 6.54 -32.18
N ALA B 182 8.07 5.59 -32.24
CA ALA B 182 8.38 4.14 -32.32
C ALA B 182 9.06 3.84 -33.67
N SER B 183 8.58 4.44 -34.76
CA SER B 183 9.21 4.32 -36.10
C SER B 183 10.65 4.81 -36.03
N CYS B 184 10.86 6.00 -35.46
CA CYS B 184 12.19 6.61 -35.27
C CYS B 184 13.07 5.65 -34.48
N LEU B 185 12.51 4.99 -33.44
CA LEU B 185 13.27 4.06 -32.57
C LEU B 185 13.66 2.81 -33.40
N LYS B 186 12.68 2.08 -33.90
CA LYS B 186 12.87 0.84 -34.72
C LYS B 186 14.00 1.07 -35.74
N GLU B 187 13.94 2.17 -36.48
CA GLU B 187 14.90 2.56 -37.55
C GLU B 187 16.30 2.69 -36.96
N HIS B 188 16.48 3.48 -35.89
CA HIS B 188 17.75 3.62 -35.14
C HIS B 188 18.24 2.23 -34.68
N VAL B 189 17.36 1.41 -34.10
CA VAL B 189 17.75 0.08 -33.53
C VAL B 189 18.12 -0.89 -34.67
N ALA B 190 17.60 -0.70 -35.88
CA ALA B 190 17.95 -1.51 -37.08
C ALA B 190 19.23 -0.94 -37.72
N ALA B 191 19.37 0.39 -37.77
CA ALA B 191 20.50 1.10 -38.42
C ALA B 191 21.82 0.87 -37.67
N VAL B 192 21.78 0.17 -36.52
CA VAL B 192 22.95 -0.22 -35.66
C VAL B 192 22.96 -1.75 -35.57
N SER B 200 13.97 -8.50 -31.46
CA SER B 200 14.24 -9.16 -30.15
C SER B 200 15.07 -8.24 -29.25
N CYS B 201 15.93 -7.39 -29.81
CA CYS B 201 16.55 -6.26 -29.08
C CYS B 201 15.48 -5.19 -28.85
N LEU B 202 14.75 -4.80 -29.92
CA LEU B 202 13.63 -3.83 -29.91
C LEU B 202 12.60 -4.23 -28.85
N SER B 203 12.17 -5.49 -28.84
CA SER B 203 11.11 -5.99 -27.94
C SER B 203 11.64 -6.17 -26.51
N ARG B 204 12.97 -6.17 -26.29
CA ARG B 204 13.58 -6.16 -24.92
C ARG B 204 13.75 -4.72 -24.42
N LEU B 205 13.86 -3.73 -25.31
CA LEU B 205 13.71 -2.29 -24.93
C LEU B 205 12.23 -2.04 -24.57
N LEU B 206 11.32 -2.34 -25.48
CA LEU B 206 9.87 -2.14 -25.29
C LEU B 206 9.40 -2.96 -24.09
N GLY B 207 10.02 -4.12 -23.83
CA GLY B 207 9.75 -4.96 -22.65
C GLY B 207 9.92 -4.22 -21.32
N LYS B 208 10.75 -3.18 -21.28
CA LYS B 208 11.01 -2.40 -20.04
C LYS B 208 9.82 -1.49 -19.70
N LEU B 209 8.98 -1.13 -20.68
CA LEU B 209 7.85 -0.20 -20.44
C LEU B 209 6.88 -0.81 -19.41
N PRO B 210 6.31 -2.02 -19.62
CA PRO B 210 5.42 -2.63 -18.63
C PRO B 210 6.04 -2.92 -17.26
N GLU B 211 7.32 -3.30 -17.19
CA GLU B 211 8.03 -3.50 -15.88
C GLU B 211 8.08 -2.17 -15.10
N LEU B 212 8.21 -1.06 -15.83
CA LEU B 212 8.15 0.34 -15.33
C LEU B 212 6.76 0.63 -14.73
N ARG B 213 5.67 0.17 -15.36
CA ARG B 213 4.30 0.32 -14.82
C ARG B 213 4.19 -0.39 -13.47
N THR B 214 4.66 -1.63 -13.34
CA THR B 214 4.66 -2.36 -12.05
C THR B 214 5.40 -1.52 -11.00
N LEU B 215 6.55 -0.93 -11.34
CA LEU B 215 7.31 -0.09 -10.40
C LEU B 215 6.55 1.21 -10.08
N CYS B 216 5.80 1.75 -11.04
CA CYS B 216 4.91 2.93 -10.84
C CYS B 216 4.05 2.65 -9.59
N THR B 217 3.38 1.49 -9.58
CA THR B 217 2.43 1.04 -8.54
C THR B 217 3.06 1.09 -7.13
N GLN B 218 4.29 0.60 -6.99
CA GLN B 218 5.04 0.65 -5.70
C GLN B 218 5.19 2.11 -5.24
N GLY B 219 5.45 3.05 -6.16
CA GLY B 219 5.45 4.50 -5.87
C GLY B 219 4.12 4.93 -5.26
N LEU B 220 3.01 4.56 -5.88
CA LEU B 220 1.68 4.94 -5.35
C LEU B 220 1.48 4.31 -3.97
N GLN B 221 1.89 3.06 -3.79
CA GLN B 221 1.81 2.38 -2.47
C GLN B 221 2.61 3.16 -1.44
N ARG B 222 3.81 3.62 -1.79
CA ARG B 222 4.71 4.32 -0.86
C ARG B 222 4.07 5.67 -0.47
N ILE B 223 3.54 6.42 -1.41
CA ILE B 223 2.91 7.74 -1.11
C ILE B 223 1.66 7.52 -0.25
N PHE B 224 0.88 6.50 -0.57
CA PHE B 224 -0.33 6.13 0.21
C PHE B 224 0.06 5.98 1.69
N TYR B 225 1.09 5.19 1.92
CA TYR B 225 1.63 4.87 3.26
C TYR B 225 2.11 6.15 3.95
N LEU B 226 2.78 7.02 3.22
CA LEU B 226 3.33 8.26 3.82
C LEU B 226 2.17 9.21 4.14
N LYS B 227 1.12 9.21 3.33
CA LYS B 227 -0.07 10.07 3.59
C LYS B 227 -0.79 9.54 4.83
N LEU B 228 -0.76 8.23 5.06
CA LEU B 228 -1.35 7.57 6.28
C LEU B 228 -0.54 7.99 7.52
N GLU B 229 0.77 7.73 7.52
CA GLU B 229 1.69 8.03 8.65
CA GLU B 229 1.61 8.01 8.72
C GLU B 229 1.63 9.54 8.92
N ASP B 230 1.71 10.32 7.85
CA ASP B 230 1.47 11.80 7.84
C ASP B 230 2.48 12.55 8.70
N LEU B 231 3.75 12.13 8.73
CA LEU B 231 4.85 12.88 9.41
C LEU B 231 4.99 14.26 8.76
N VAL B 232 5.06 14.29 7.44
CA VAL B 232 4.95 15.53 6.64
C VAL B 232 4.01 15.25 5.47
N PRO B 233 3.17 16.25 5.12
CA PRO B 233 2.20 16.07 4.04
C PRO B 233 2.87 16.16 2.67
N PRO B 234 2.35 15.49 1.63
CA PRO B 234 2.94 15.57 0.30
C PRO B 234 2.74 17.00 -0.17
N PRO B 235 3.68 17.59 -0.92
CA PRO B 235 3.44 18.90 -1.50
C PRO B 235 2.32 18.79 -2.52
N PRO B 236 1.57 19.87 -2.78
CA PRO B 236 0.30 19.80 -3.50
C PRO B 236 0.37 19.19 -4.91
N ILE B 237 1.48 19.40 -5.64
CA ILE B 237 1.57 18.90 -7.05
C ILE B 237 1.74 17.36 -7.02
N ILE B 238 2.51 16.82 -6.06
CA ILE B 238 2.66 15.35 -5.91
C ILE B 238 1.29 14.76 -5.54
N ASP B 239 0.67 15.33 -4.51
CA ASP B 239 -0.66 14.94 -4.00
C ASP B 239 -1.66 14.91 -5.16
N LYS B 240 -1.69 15.96 -5.97
CA LYS B 240 -2.61 16.08 -7.13
C LYS B 240 -2.32 14.91 -8.07
N ILE B 241 -1.04 14.66 -8.35
CA ILE B 241 -0.63 13.54 -9.25
C ILE B 241 -1.07 12.22 -8.62
N PHE B 242 -0.83 12.06 -7.32
CA PHE B 242 -1.30 10.89 -6.55
C PHE B 242 -2.82 10.77 -6.70
N MET B 243 -3.57 11.80 -6.37
CA MET B 243 -5.07 11.74 -6.41
C MET B 243 -5.55 11.46 -7.83
N ASP B 244 -4.95 12.05 -8.87
CA ASP B 244 -5.49 11.98 -10.26
C ASP B 244 -5.13 10.66 -10.93
N THR B 245 -4.28 9.82 -10.33
CA THR B 245 -3.73 8.61 -11.01
C THR B 245 -4.28 7.36 -10.33
N LEU B 246 -5.24 7.52 -9.41
CA LEU B 246 -5.97 6.41 -8.77
C LEU B 246 -7.23 6.13 -9.59
N PRO B 247 -7.35 5.00 -10.29
CA PRO B 247 -8.52 4.77 -11.15
C PRO B 247 -9.87 4.54 -10.42
N PHE B 248 -10.11 5.18 -9.26
CA PHE B 248 -11.29 5.00 -8.38
C PHE B 248 -11.51 6.26 -7.51
#